data_9GKV
#
_entry.id   9GKV
#
_cell.length_a   50.920
_cell.length_b   81.530
_cell.length_c   133.170
_cell.angle_alpha   90.000
_cell.angle_beta   90.000
_cell.angle_gamma   90.000
#
_symmetry.space_group_name_H-M   'P 21 21 21'
#
loop_
_entity.id
_entity.type
_entity.pdbx_description
1 polymer 'Histone deacetylase'
2 non-polymer 'OCTANEDIOIC ACID HYDROXYAMIDE PHENYLAMIDE'
3 non-polymer 'ZINC ION'
4 non-polymer 'POTASSIUM ION'
5 non-polymer 'ACETATE ION'
6 water water
#
_entity_poly.entity_id   1
_entity_poly.type   'polypeptide(L)'
_entity_poly.pdbx_seq_one_letter_code
;MAHHHHHHVGTMIPLIYHPIYSQLDLPVGHRYPINKYRLLYEEIVRQREQSEAWQASFEFHTPIAAELSRITPLHDPDYV
QALLEGRLPAAKMRRIGFPWSKTLIERTLHSVGGTCLTVEQALQSGVAIHLSGGYHHAHADFGSGFCLFNDLAIAAHFAL
SLPSVDKVLIIDSDVHHGDGTATLCAERDDIITLSFHCDKNFPARKPASSMDVGFANQTGDEEFLSTFIQVVEMAVNLHR
PDLILYDAGVDIHNDDELGYLSISQAAIAQRDRFMLGLAKQESIPIACVIGGGYREDHAALVPLHLELLKAALLSAGY
;
_entity_poly.pdbx_strand_id   B,A
#
# COMPACT_ATOMS: atom_id res chain seq x y z
N THR A 11 10.59 -22.61 13.28
CA THR A 11 10.03 -21.24 13.28
C THR A 11 10.22 -20.56 11.91
N MET A 12 10.41 -21.35 10.84
CA MET A 12 10.45 -20.80 9.50
C MET A 12 9.06 -20.79 8.87
N ILE A 13 8.71 -19.68 8.18
CA ILE A 13 7.43 -19.61 7.49
C ILE A 13 7.69 -19.51 5.99
N PRO A 14 7.57 -20.62 5.23
CA PRO A 14 7.63 -20.53 3.78
C PRO A 14 6.59 -19.57 3.17
N LEU A 15 7.11 -18.68 2.28
CA LEU A 15 6.28 -17.85 1.41
C LEU A 15 6.46 -18.30 -0.04
N ILE A 16 5.35 -18.45 -0.78
CA ILE A 16 5.38 -18.93 -2.15
C ILE A 16 5.02 -17.82 -3.11
N TYR A 17 5.93 -17.56 -4.09
CA TYR A 17 5.83 -16.40 -4.96
C TYR A 17 6.53 -16.65 -6.29
N HIS A 18 5.91 -16.27 -7.41
CA HIS A 18 6.58 -16.29 -8.70
C HIS A 18 6.48 -14.90 -9.30
N PRO A 19 7.55 -14.41 -9.97
CA PRO A 19 7.52 -13.06 -10.53
C PRO A 19 6.49 -12.90 -11.64
N ILE A 20 5.95 -14.01 -12.18
CA ILE A 20 4.95 -13.88 -13.23
C ILE A 20 3.60 -13.43 -12.65
N TYR A 21 3.45 -13.39 -11.32
CA TYR A 21 2.14 -13.17 -10.71
C TYR A 21 1.54 -11.81 -11.09
N SER A 22 2.36 -10.78 -11.19
CA SER A 22 1.80 -9.50 -11.63
C SER A 22 2.13 -9.18 -13.08
N GLN A 23 2.59 -10.13 -13.92
CA GLN A 23 3.10 -9.74 -15.22
C GLN A 23 2.02 -9.87 -16.30
N LEU A 24 0.79 -9.49 -15.99
CA LEU A 24 -0.28 -9.68 -16.95
C LEU A 24 -0.66 -8.32 -17.53
N ASP A 25 -0.92 -8.26 -18.83
CA ASP A 25 -1.20 -6.99 -19.47
C ASP A 25 -2.71 -6.84 -19.56
N LEU A 26 -3.20 -5.83 -18.83
CA LEU A 26 -4.61 -5.63 -18.65
C LEU A 26 -4.88 -4.19 -19.03
N PRO A 27 -6.04 -3.85 -19.60
CA PRO A 27 -6.41 -2.45 -19.70
C PRO A 27 -6.36 -1.78 -18.32
N VAL A 28 -5.97 -0.50 -18.26
CA VAL A 28 -6.22 0.27 -17.05
C VAL A 28 -7.73 0.41 -16.93
N GLY A 29 -8.21 0.52 -15.70
CA GLY A 29 -9.64 0.46 -15.48
C GLY A 29 -10.12 -0.98 -15.28
N HIS A 30 -9.29 -1.99 -15.64
CA HIS A 30 -9.67 -3.39 -15.45
C HIS A 30 -9.85 -3.59 -13.96
N ARG A 31 -10.82 -4.42 -13.58
N ARG A 31 -10.83 -4.43 -13.59
CA ARG A 31 -11.25 -4.50 -12.18
CA ARG A 31 -11.25 -4.55 -12.19
C ARG A 31 -10.22 -5.29 -11.36
C ARG A 31 -10.17 -5.25 -11.36
N TYR A 32 -9.40 -6.14 -11.99
CA TYR A 32 -8.54 -7.05 -11.27
C TYR A 32 -7.26 -6.34 -10.86
N PRO A 33 -6.89 -6.37 -9.57
CA PRO A 33 -5.79 -5.56 -9.02
C PRO A 33 -4.46 -6.28 -9.19
N ILE A 34 -4.09 -6.45 -10.45
CA ILE A 34 -3.00 -7.33 -10.89
C ILE A 34 -1.65 -6.96 -10.26
N ASN A 35 -1.45 -5.68 -9.85
CA ASN A 35 -0.16 -5.29 -9.35
C ASN A 35 0.02 -5.68 -7.87
N LYS A 36 -0.99 -6.22 -7.20
CA LYS A 36 -0.95 -6.31 -5.75
C LYS A 36 0.06 -7.39 -5.40
N TYR A 37 0.24 -8.36 -6.27
CA TYR A 37 1.07 -9.48 -5.90
C TYR A 37 2.51 -9.04 -5.81
N ARG A 38 3.01 -8.38 -6.86
CA ARG A 38 4.39 -7.93 -6.85
C ARG A 38 4.61 -6.85 -5.78
N LEU A 39 3.61 -5.97 -5.58
CA LEU A 39 3.77 -4.97 -4.56
C LEU A 39 3.84 -5.58 -3.17
N LEU A 40 2.95 -6.54 -2.88
CA LEU A 40 3.03 -7.25 -1.61
C LEU A 40 4.38 -7.95 -1.42
N TYR A 41 4.85 -8.65 -2.46
CA TYR A 41 6.17 -9.29 -2.43
C TYR A 41 7.25 -8.25 -2.13
N GLU A 42 7.29 -7.12 -2.86
CA GLU A 42 8.27 -6.06 -2.66
C GLU A 42 8.23 -5.46 -1.25
N GLU A 43 7.00 -5.27 -0.72
CA GLU A 43 6.82 -4.84 0.66
C GLU A 43 7.45 -5.82 1.63
N ILE A 44 7.31 -7.10 1.36
CA ILE A 44 7.90 -8.09 2.28
C ILE A 44 9.41 -8.09 2.16
N VAL A 45 9.88 -7.96 0.92
CA VAL A 45 11.31 -7.84 0.69
C VAL A 45 11.89 -6.69 1.50
N ARG A 46 11.15 -5.58 1.60
CA ARG A 46 11.59 -4.42 2.35
C ARG A 46 11.55 -4.66 3.84
N GLN A 47 10.51 -5.35 4.31
CA GLN A 47 10.42 -5.74 5.72
C GLN A 47 11.65 -6.55 6.13
N ARG A 48 12.09 -7.49 5.25
CA ARG A 48 13.26 -8.31 5.51
C ARG A 48 14.56 -7.51 5.65
N GLU A 49 14.80 -6.53 4.78
CA GLU A 49 15.90 -5.58 4.96
C GLU A 49 15.80 -4.78 6.26
N GLN A 50 14.60 -4.36 6.66
CA GLN A 50 14.45 -3.42 7.78
C GLN A 50 14.57 -4.16 9.11
N SER A 51 14.24 -5.47 9.09
CA SER A 51 13.84 -6.14 10.32
C SER A 51 14.46 -7.53 10.37
N GLU A 52 15.23 -7.78 11.47
CA GLU A 52 15.93 -9.01 11.75
C GLU A 52 14.90 -10.14 11.83
N ALA A 53 13.78 -9.85 12.51
CA ALA A 53 12.68 -10.76 12.71
C ALA A 53 12.08 -11.23 11.38
N TRP A 54 11.87 -10.32 10.42
CA TRP A 54 11.33 -10.73 9.12
C TRP A 54 12.37 -11.47 8.29
N GLN A 55 13.65 -11.04 8.41
CA GLN A 55 14.77 -11.68 7.73
C GLN A 55 14.90 -13.13 8.18
N ALA A 56 14.89 -13.36 9.49
CA ALA A 56 15.08 -14.68 10.07
C ALA A 56 13.87 -15.61 9.96
N SER A 57 12.62 -15.07 10.02
CA SER A 57 11.43 -15.91 10.13
C SER A 57 10.80 -16.35 8.81
N PHE A 58 11.16 -15.78 7.66
CA PHE A 58 10.43 -16.03 6.41
C PHE A 58 11.49 -16.44 5.38
N GLU A 59 11.16 -17.36 4.48
CA GLU A 59 11.96 -17.61 3.29
C GLU A 59 11.03 -17.77 2.10
N PHE A 60 11.51 -17.50 0.87
CA PHE A 60 10.72 -17.60 -0.36
C PHE A 60 10.95 -18.92 -1.09
N HIS A 61 9.90 -19.40 -1.77
CA HIS A 61 9.94 -20.59 -2.59
C HIS A 61 9.16 -20.25 -3.85
N THR A 62 9.87 -20.33 -4.99
CA THR A 62 9.31 -20.11 -6.30
C THR A 62 8.76 -21.45 -6.78
N PRO A 63 7.53 -21.47 -7.28
CA PRO A 63 6.95 -22.67 -7.90
C PRO A 63 7.28 -22.84 -9.37
N ILE A 64 7.22 -24.06 -9.88
CA ILE A 64 7.11 -24.20 -11.33
C ILE A 64 5.66 -24.51 -11.67
N ALA A 65 5.29 -24.39 -12.94
CA ALA A 65 3.94 -24.70 -13.39
C ALA A 65 3.46 -26.05 -12.84
N ALA A 66 2.17 -26.11 -12.51
CA ALA A 66 1.55 -27.38 -12.18
C ALA A 66 1.46 -28.23 -13.43
N GLU A 67 1.65 -29.55 -13.23
CA GLU A 67 1.49 -30.53 -14.31
C GLU A 67 0.03 -30.58 -14.71
N LEU A 68 -0.26 -30.86 -15.98
CA LEU A 68 -1.65 -30.87 -16.40
C LEU A 68 -2.42 -32.00 -15.73
N SER A 69 -1.73 -33.12 -15.42
CA SER A 69 -2.33 -34.25 -14.74
C SER A 69 -2.81 -33.91 -13.33
N ARG A 70 -2.40 -32.76 -12.80
CA ARG A 70 -2.92 -32.35 -11.49
C ARG A 70 -4.21 -31.55 -11.63
N ILE A 71 -4.50 -31.07 -12.83
CA ILE A 71 -5.63 -30.21 -13.12
C ILE A 71 -6.80 -31.04 -13.60
N THR A 72 -6.54 -32.04 -14.46
CA THR A 72 -7.64 -32.73 -15.12
C THR A 72 -8.43 -33.65 -14.20
N PRO A 73 -7.96 -34.09 -13.00
CA PRO A 73 -8.84 -34.76 -12.04
C PRO A 73 -9.97 -33.88 -11.50
N LEU A 74 -9.82 -32.56 -11.55
CA LEU A 74 -10.86 -31.64 -11.13
C LEU A 74 -11.59 -30.99 -12.30
N HIS A 75 -10.88 -30.63 -13.35
CA HIS A 75 -11.47 -29.92 -14.47
C HIS A 75 -11.56 -30.79 -15.72
N ASP A 76 -12.61 -30.52 -16.47
CA ASP A 76 -12.94 -31.19 -17.69
C ASP A 76 -11.80 -31.00 -18.69
N PRO A 77 -11.24 -32.07 -19.31
CA PRO A 77 -10.12 -31.91 -20.24
C PRO A 77 -10.33 -31.00 -21.45
N ASP A 78 -11.56 -30.95 -21.98
CA ASP A 78 -11.80 -30.14 -23.15
C ASP A 78 -11.84 -28.66 -22.73
N TYR A 79 -12.30 -28.36 -21.51
CA TYR A 79 -12.26 -27.00 -20.95
C TYR A 79 -10.79 -26.63 -20.77
N VAL A 80 -9.98 -27.58 -20.26
CA VAL A 80 -8.57 -27.30 -20.00
C VAL A 80 -7.89 -26.99 -21.32
N GLN A 81 -8.11 -27.89 -22.27
CA GLN A 81 -7.48 -27.81 -23.57
C GLN A 81 -7.85 -26.51 -24.28
N ALA A 82 -9.13 -26.11 -24.19
CA ALA A 82 -9.56 -24.88 -24.85
C ALA A 82 -8.81 -23.69 -24.28
N LEU A 83 -8.51 -23.70 -22.96
CA LEU A 83 -7.82 -22.55 -22.39
C LEU A 83 -6.33 -22.60 -22.76
N LEU A 84 -5.77 -23.80 -22.84
CA LEU A 84 -4.35 -23.97 -23.19
C LEU A 84 -4.09 -23.40 -24.57
N GLU A 85 -5.01 -23.68 -25.49
CA GLU A 85 -4.91 -23.32 -26.89
C GLU A 85 -5.53 -21.97 -27.24
N GLY A 86 -6.02 -21.21 -26.25
CA GLY A 86 -6.66 -19.93 -26.52
C GLY A 86 -7.86 -20.06 -27.48
N ARG A 87 -8.64 -21.10 -27.31
CA ARG A 87 -9.83 -21.39 -28.15
C ARG A 87 -11.13 -21.37 -27.32
N LEU A 88 -11.09 -20.79 -26.10
CA LEU A 88 -12.28 -20.77 -25.27
C LEU A 88 -13.19 -19.75 -25.96
N PRO A 89 -14.47 -20.07 -26.26
CA PRO A 89 -15.37 -19.07 -26.82
C PRO A 89 -15.36 -17.76 -26.04
N ALA A 90 -15.47 -16.68 -26.81
CA ALA A 90 -15.33 -15.31 -26.35
C ALA A 90 -16.20 -15.03 -25.15
N ALA A 91 -17.43 -15.57 -25.15
CA ALA A 91 -18.36 -15.23 -24.09
C ALA A 91 -17.94 -15.92 -22.80
N LYS A 92 -17.38 -17.11 -22.91
CA LYS A 92 -16.91 -17.89 -21.78
C LYS A 92 -15.67 -17.24 -21.21
N MET A 93 -14.80 -16.70 -22.07
N MET A 93 -14.80 -16.70 -22.07
CA MET A 93 -13.59 -16.01 -21.60
CA MET A 93 -13.59 -15.99 -21.66
C MET A 93 -13.93 -14.71 -20.90
C MET A 93 -13.92 -14.71 -20.91
N ARG A 94 -14.98 -14.02 -21.37
CA ARG A 94 -15.41 -12.80 -20.71
C ARG A 94 -16.04 -13.08 -19.35
N ARG A 95 -16.69 -14.22 -19.20
CA ARG A 95 -17.25 -14.61 -17.93
C ARG A 95 -16.14 -14.84 -16.91
N ILE A 96 -15.02 -15.42 -17.38
CA ILE A 96 -13.81 -15.44 -16.59
C ILE A 96 -13.34 -14.05 -16.19
N GLY A 97 -13.35 -13.10 -17.12
CA GLY A 97 -13.10 -11.70 -16.80
C GLY A 97 -11.71 -11.18 -17.21
N PHE A 98 -10.93 -12.00 -17.91
CA PHE A 98 -9.62 -11.64 -18.43
C PHE A 98 -9.62 -11.86 -19.93
N PRO A 99 -8.85 -11.06 -20.68
CA PRO A 99 -8.57 -11.38 -22.07
C PRO A 99 -7.66 -12.61 -22.04
N TRP A 100 -7.80 -13.51 -23.01
CA TRP A 100 -6.90 -14.64 -23.11
C TRP A 100 -5.52 -14.18 -23.55
N SER A 101 -4.47 -14.82 -23.02
CA SER A 101 -3.11 -14.70 -23.53
C SER A 101 -2.35 -15.92 -23.04
N LYS A 102 -1.21 -16.23 -23.66
CA LYS A 102 -0.34 -17.27 -23.12
C LYS A 102 0.18 -16.89 -21.73
N THR A 103 0.44 -15.61 -21.47
CA THR A 103 0.92 -15.21 -20.15
C THR A 103 -0.15 -15.53 -19.09
N LEU A 104 -1.42 -15.34 -19.39
CA LEU A 104 -2.51 -15.67 -18.46
C LEU A 104 -2.45 -17.16 -18.13
N ILE A 105 -2.28 -18.00 -19.13
CA ILE A 105 -2.24 -19.43 -18.87
C ILE A 105 -1.00 -19.78 -18.08
N GLU A 106 0.16 -19.21 -18.45
CA GLU A 106 1.38 -19.48 -17.71
C GLU A 106 1.28 -19.01 -16.28
N ARG A 107 0.65 -17.83 -16.06
CA ARG A 107 0.50 -17.31 -14.70
C ARG A 107 -0.37 -18.27 -13.89
N THR A 108 -1.52 -18.64 -14.45
CA THR A 108 -2.49 -19.51 -13.79
C THR A 108 -1.85 -20.83 -13.37
N LEU A 109 -1.10 -21.45 -14.31
CA LEU A 109 -0.57 -22.77 -14.03
C LEU A 109 0.52 -22.67 -12.96
N HIS A 110 1.28 -21.56 -13.00
CA HIS A 110 2.30 -21.33 -11.98
C HIS A 110 1.63 -21.11 -10.63
N SER A 111 0.54 -20.34 -10.56
CA SER A 111 -0.15 -20.09 -9.30
C SER A 111 -0.80 -21.37 -8.74
N VAL A 112 -1.38 -22.22 -9.61
CA VAL A 112 -1.85 -23.53 -9.17
C VAL A 112 -0.69 -24.30 -8.58
N GLY A 113 0.45 -24.35 -9.29
CA GLY A 113 1.65 -24.97 -8.76
C GLY A 113 2.00 -24.40 -7.39
N GLY A 114 1.79 -23.09 -7.24
CA GLY A 114 2.19 -22.42 -6.02
C GLY A 114 1.33 -22.85 -4.83
N THR A 115 0.02 -22.97 -5.03
CA THR A 115 -0.84 -23.45 -3.96
C THR A 115 -0.47 -24.88 -3.58
N CYS A 116 -0.10 -25.71 -4.57
CA CYS A 116 0.36 -27.07 -4.31
C CYS A 116 1.66 -27.10 -3.53
N LEU A 117 2.56 -26.17 -3.86
CA LEU A 117 3.80 -26.06 -3.12
C LEU A 117 3.58 -25.57 -1.69
N THR A 118 2.63 -24.62 -1.52
CA THR A 118 2.30 -24.12 -0.23
C THR A 118 1.84 -25.28 0.66
N VAL A 119 1.07 -26.20 0.08
CA VAL A 119 0.65 -27.38 0.80
C VAL A 119 1.86 -28.22 1.24
N GLU A 120 2.81 -28.50 0.32
CA GLU A 120 3.97 -29.30 0.71
C GLU A 120 4.76 -28.55 1.78
N GLN A 121 4.87 -27.24 1.63
CA GLN A 121 5.64 -26.46 2.56
C GLN A 121 4.97 -26.43 3.92
N ALA A 122 3.62 -26.25 3.94
CA ALA A 122 2.88 -26.32 5.20
C ALA A 122 3.04 -27.67 5.89
N LEU A 123 2.98 -28.78 5.14
CA LEU A 123 3.20 -30.08 5.73
C LEU A 123 4.55 -30.15 6.40
N GLN A 124 5.57 -29.50 5.82
N GLN A 124 5.59 -29.51 5.81
CA GLN A 124 6.92 -29.60 6.36
CA GLN A 124 6.94 -29.57 6.35
C GLN A 124 7.09 -28.68 7.58
C GLN A 124 7.09 -28.69 7.59
N SER A 125 6.66 -27.43 7.50
CA SER A 125 6.90 -26.40 8.50
C SER A 125 5.73 -26.12 9.46
N GLY A 126 4.50 -26.58 9.16
CA GLY A 126 3.33 -26.22 9.95
C GLY A 126 2.45 -25.14 9.29
N VAL A 127 3.07 -24.10 8.77
CA VAL A 127 2.39 -22.93 8.25
C VAL A 127 3.12 -22.48 6.98
N ALA A 128 2.37 -22.27 5.87
CA ALA A 128 2.96 -21.72 4.66
C ALA A 128 1.95 -20.81 3.98
N ILE A 129 2.44 -19.74 3.39
CA ILE A 129 1.60 -18.72 2.77
C ILE A 129 1.95 -18.53 1.30
N HIS A 130 0.92 -18.67 0.47
CA HIS A 130 0.91 -18.38 -0.92
C HIS A 130 0.52 -16.92 -1.13
N LEU A 131 1.39 -16.18 -1.86
CA LEU A 131 1.16 -14.77 -2.16
C LEU A 131 0.30 -14.62 -3.42
N SER A 132 -0.64 -15.56 -3.61
CA SER A 132 -1.53 -15.61 -4.75
C SER A 132 -2.62 -16.60 -4.36
N GLY A 133 -3.50 -16.93 -5.29
CA GLY A 133 -4.31 -18.11 -5.09
C GLY A 133 -5.68 -17.74 -4.54
N GLY A 134 -6.50 -18.77 -4.38
CA GLY A 134 -7.88 -18.62 -3.91
C GLY A 134 -8.85 -18.48 -5.08
N TYR A 135 -8.73 -19.34 -6.08
CA TYR A 135 -9.57 -19.23 -7.28
C TYR A 135 -10.83 -20.11 -7.17
N HIS A 136 -11.72 -19.69 -6.30
CA HIS A 136 -12.80 -20.52 -5.81
C HIS A 136 -14.01 -20.46 -6.72
N HIS A 137 -13.97 -19.68 -7.78
CA HIS A 137 -15.06 -19.58 -8.71
C HIS A 137 -14.88 -20.44 -9.95
N ALA A 138 -13.83 -21.23 -10.01
CA ALA A 138 -13.71 -22.14 -11.14
C ALA A 138 -14.38 -23.47 -10.78
N HIS A 139 -15.25 -23.91 -11.70
CA HIS A 139 -15.96 -25.18 -11.56
C HIS A 139 -15.29 -26.25 -12.45
N ALA A 140 -15.83 -27.48 -12.46
CA ALA A 140 -15.21 -28.52 -13.27
C ALA A 140 -15.09 -28.10 -14.74
N ASP A 141 -16.11 -27.44 -15.29
CA ASP A 141 -16.11 -27.30 -16.74
C ASP A 141 -16.33 -25.87 -17.16
N PHE A 142 -16.33 -24.93 -16.21
CA PHE A 142 -16.25 -23.56 -16.66
C PHE A 142 -15.55 -22.70 -15.62
N GLY A 143 -15.12 -21.53 -16.11
CA GLY A 143 -14.48 -20.52 -15.30
C GLY A 143 -15.37 -19.29 -15.12
N SER A 144 -15.15 -18.57 -14.03
CA SER A 144 -15.88 -17.34 -13.71
C SER A 144 -15.11 -16.55 -12.69
N GLY A 145 -15.46 -15.27 -12.58
CA GLY A 145 -15.08 -14.49 -11.41
C GLY A 145 -13.55 -14.43 -11.23
N PHE A 146 -12.83 -14.32 -12.34
CA PHE A 146 -11.37 -14.21 -12.41
C PHE A 146 -10.68 -15.52 -12.10
N CYS A 147 -11.42 -16.66 -12.18
CA CYS A 147 -10.84 -17.95 -11.86
C CYS A 147 -10.85 -18.85 -13.09
N LEU A 148 -9.74 -19.49 -13.40
CA LEU A 148 -9.72 -20.40 -14.56
C LEU A 148 -9.79 -21.84 -14.07
N PHE A 149 -8.88 -22.14 -13.13
CA PHE A 149 -8.76 -23.42 -12.49
C PHE A 149 -8.74 -23.18 -10.98
N ASN A 150 -9.28 -24.16 -10.25
CA ASN A 150 -9.54 -24.01 -8.83
C ASN A 150 -8.35 -24.58 -8.04
N ASP A 151 -7.43 -23.66 -7.71
CA ASP A 151 -6.19 -24.04 -7.02
C ASP A 151 -6.46 -24.73 -5.67
N LEU A 152 -7.49 -24.29 -4.94
CA LEU A 152 -7.82 -24.87 -3.64
C LEU A 152 -8.22 -26.33 -3.75
N ALA A 153 -9.11 -26.63 -4.68
CA ALA A 153 -9.59 -27.98 -4.88
C ALA A 153 -8.47 -28.83 -5.45
N ILE A 154 -7.72 -28.27 -6.39
CA ILE A 154 -6.57 -28.95 -6.99
C ILE A 154 -5.54 -29.30 -5.94
N ALA A 155 -5.25 -28.38 -5.04
CA ALA A 155 -4.25 -28.57 -4.04
C ALA A 155 -4.77 -29.53 -2.96
N ALA A 156 -6.07 -29.52 -2.65
CA ALA A 156 -6.66 -30.46 -1.72
C ALA A 156 -6.60 -31.89 -2.29
N HIS A 157 -6.88 -32.06 -3.57
CA HIS A 157 -6.84 -33.35 -4.25
C HIS A 157 -5.40 -33.87 -4.25
N PHE A 158 -4.44 -32.97 -4.57
CA PHE A 158 -3.05 -33.34 -4.51
C PHE A 158 -2.62 -33.72 -3.08
N ALA A 159 -3.03 -32.92 -2.10
CA ALA A 159 -2.60 -33.13 -0.73
C ALA A 159 -2.98 -34.56 -0.28
N LEU A 160 -4.18 -35.02 -0.73
CA LEU A 160 -4.71 -36.34 -0.43
C LEU A 160 -3.88 -37.48 -1.06
N SER A 161 -3.13 -37.18 -2.13
N SER A 161 -3.11 -37.19 -2.12
CA SER A 161 -2.18 -38.15 -2.69
CA SER A 161 -2.20 -38.19 -2.65
C SER A 161 -1.01 -38.42 -1.72
C SER A 161 -1.01 -38.43 -1.71
N LEU A 162 -0.80 -37.55 -0.74
CA LEU A 162 0.37 -37.67 0.13
C LEU A 162 0.01 -38.56 1.32
N PRO A 163 1.02 -39.20 1.94
CA PRO A 163 0.76 -40.24 2.94
C PRO A 163 0.15 -39.72 4.26
N SER A 164 0.57 -38.55 4.71
CA SER A 164 0.09 -38.08 5.99
C SER A 164 -1.36 -37.55 5.94
N VAL A 165 -1.92 -37.35 4.75
CA VAL A 165 -3.17 -36.60 4.61
C VAL A 165 -4.30 -37.51 4.17
N ASP A 166 -5.34 -37.63 4.97
CA ASP A 166 -6.57 -38.31 4.55
C ASP A 166 -7.77 -37.38 4.44
N LYS A 167 -7.67 -36.16 4.98
CA LYS A 167 -8.87 -35.34 5.18
C LYS A 167 -8.42 -33.88 5.10
N VAL A 168 -9.04 -33.10 4.18
CA VAL A 168 -8.63 -31.72 4.00
C VAL A 168 -9.86 -30.86 4.28
N LEU A 169 -9.66 -29.79 5.06
CA LEU A 169 -10.68 -28.76 5.27
C LEU A 169 -10.30 -27.44 4.60
N ILE A 170 -11.13 -26.96 3.65
CA ILE A 170 -10.95 -25.67 3.03
C ILE A 170 -11.79 -24.64 3.78
N ILE A 171 -11.12 -23.61 4.29
CA ILE A 171 -11.76 -22.52 5.02
C ILE A 171 -11.63 -21.23 4.23
N ASP A 172 -12.77 -20.79 3.66
CA ASP A 172 -12.79 -19.69 2.72
C ASP A 172 -13.42 -18.46 3.36
N SER A 173 -12.57 -17.47 3.71
CA SER A 173 -12.96 -16.22 4.38
C SER A 173 -13.04 -15.05 3.40
N ASP A 174 -12.76 -15.32 2.13
CA ASP A 174 -12.99 -14.31 1.10
C ASP A 174 -14.49 -13.95 1.09
N VAL A 175 -14.81 -12.71 0.74
CA VAL A 175 -16.16 -12.18 0.97
C VAL A 175 -17.15 -12.85 0.01
N HIS A 176 -16.65 -13.50 -1.06
CA HIS A 176 -17.52 -14.12 -2.05
C HIS A 176 -17.63 -15.60 -1.73
N HIS A 177 -18.80 -16.16 -2.09
CA HIS A 177 -19.05 -17.60 -1.89
C HIS A 177 -18.08 -18.44 -2.72
N GLY A 178 -17.44 -19.46 -2.12
CA GLY A 178 -16.61 -20.44 -2.85
C GLY A 178 -17.44 -21.51 -3.59
N ASP A 179 -18.12 -21.05 -4.66
CA ASP A 179 -19.12 -21.85 -5.34
C ASP A 179 -18.41 -22.95 -6.11
N GLY A 180 -17.34 -22.58 -6.79
CA GLY A 180 -16.62 -23.58 -7.60
C GLY A 180 -16.10 -24.68 -6.69
N THR A 181 -15.46 -24.25 -5.60
CA THR A 181 -14.93 -25.22 -4.66
C THR A 181 -16.06 -26.11 -4.15
N ALA A 182 -17.21 -25.50 -3.83
CA ALA A 182 -18.39 -26.24 -3.36
C ALA A 182 -18.81 -27.34 -4.34
N THR A 183 -18.95 -27.01 -5.62
CA THR A 183 -19.42 -27.99 -6.60
C THR A 183 -18.36 -29.07 -6.81
N LEU A 184 -17.08 -28.71 -6.74
CA LEU A 184 -15.99 -29.63 -7.01
C LEU A 184 -15.89 -30.68 -5.90
N CYS A 185 -16.22 -30.27 -4.66
CA CYS A 185 -16.05 -31.15 -3.52
C CYS A 185 -17.36 -31.71 -2.94
N ALA A 186 -18.48 -31.44 -3.58
CA ALA A 186 -19.78 -31.74 -2.97
C ALA A 186 -20.01 -33.24 -2.72
N GLU A 187 -19.39 -34.11 -3.53
N GLU A 187 -19.42 -34.14 -3.51
CA GLU A 187 -19.70 -35.52 -3.50
CA GLU A 187 -19.77 -35.55 -3.36
C GLU A 187 -18.52 -36.33 -2.96
C GLU A 187 -18.64 -36.35 -2.70
N ARG A 188 -17.57 -35.67 -2.29
CA ARG A 188 -16.37 -36.31 -1.75
C ARG A 188 -16.30 -36.06 -0.25
N ASP A 189 -16.03 -37.05 0.59
CA ASP A 189 -16.07 -36.79 2.03
C ASP A 189 -14.66 -36.56 2.57
N ASP A 190 -13.67 -36.56 1.68
CA ASP A 190 -12.26 -36.39 2.04
C ASP A 190 -11.81 -34.93 1.92
N ILE A 191 -12.66 -34.10 1.29
CA ILE A 191 -12.46 -32.65 1.26
C ILE A 191 -13.74 -31.97 1.77
N ILE A 192 -13.62 -31.11 2.77
CA ILE A 192 -14.74 -30.45 3.40
C ILE A 192 -14.61 -28.97 3.12
N THR A 193 -15.72 -28.30 2.78
CA THR A 193 -15.66 -26.91 2.41
C THR A 193 -16.49 -26.07 3.37
N LEU A 194 -15.88 -24.99 3.82
CA LEU A 194 -16.55 -24.03 4.70
C LEU A 194 -16.36 -22.67 4.03
N SER A 195 -17.47 -21.95 3.82
CA SER A 195 -17.39 -20.64 3.21
C SER A 195 -18.12 -19.64 4.11
N PHE A 196 -17.42 -18.56 4.44
CA PHE A 196 -18.02 -17.34 4.93
C PHE A 196 -18.11 -16.36 3.78
N HIS A 197 -19.19 -15.56 3.72
CA HIS A 197 -19.36 -14.66 2.59
C HIS A 197 -20.49 -13.67 2.85
N CYS A 198 -20.47 -12.64 2.02
CA CYS A 198 -21.59 -11.72 1.94
C CYS A 198 -22.64 -12.28 0.98
N ASP A 199 -23.84 -12.39 1.50
CA ASP A 199 -24.86 -13.11 0.78
C ASP A 199 -25.26 -12.39 -0.51
N LYS A 200 -25.28 -11.06 -0.47
CA LYS A 200 -25.66 -10.33 -1.67
C LYS A 200 -24.52 -10.14 -2.66
N ASN A 201 -23.29 -10.52 -2.31
CA ASN A 201 -22.21 -10.45 -3.31
C ASN A 201 -22.33 -11.63 -4.28
N PHE A 202 -21.79 -11.46 -5.50
CA PHE A 202 -21.48 -12.53 -6.45
C PHE A 202 -20.97 -13.77 -5.72
N PRO A 203 -21.31 -15.01 -6.15
CA PRO A 203 -22.23 -15.25 -7.25
C PRO A 203 -23.69 -15.36 -6.76
N ALA A 204 -24.62 -15.07 -7.67
CA ALA A 204 -26.05 -15.15 -7.41
C ALA A 204 -26.43 -16.56 -6.91
N ARG A 205 -25.99 -17.61 -7.59
N ARG A 205 -25.99 -17.60 -7.61
CA ARG A 205 -26.31 -18.97 -7.20
CA ARG A 205 -26.29 -18.97 -7.22
C ARG A 205 -25.16 -19.50 -6.34
C ARG A 205 -25.15 -19.49 -6.35
N LYS A 206 -25.53 -20.03 -5.17
CA LYS A 206 -24.56 -20.47 -4.20
C LYS A 206 -24.79 -21.95 -3.90
N PRO A 207 -24.28 -22.92 -4.70
CA PRO A 207 -24.45 -24.33 -4.33
C PRO A 207 -23.76 -24.61 -2.97
N ALA A 208 -24.36 -25.49 -2.16
CA ALA A 208 -23.97 -25.71 -0.77
C ALA A 208 -22.51 -26.14 -0.68
N SER A 209 -21.77 -25.48 0.20
CA SER A 209 -20.53 -26.04 0.69
C SER A 209 -20.91 -27.12 1.71
N SER A 210 -19.95 -27.66 2.40
CA SER A 210 -20.26 -28.45 3.57
C SER A 210 -20.98 -27.58 4.59
N MET A 211 -20.58 -26.31 4.71
N MET A 211 -20.59 -26.30 4.69
CA MET A 211 -21.28 -25.38 5.60
CA MET A 211 -21.18 -25.39 5.65
C MET A 211 -21.05 -23.98 5.06
C MET A 211 -21.04 -23.97 5.08
N ASP A 212 -22.12 -23.20 5.08
CA ASP A 212 -22.10 -21.84 4.55
C ASP A 212 -22.60 -20.88 5.62
N VAL A 213 -21.87 -19.76 5.77
CA VAL A 213 -22.26 -18.66 6.64
C VAL A 213 -22.28 -17.39 5.80
N GLY A 214 -23.50 -16.93 5.54
CA GLY A 214 -23.76 -15.76 4.76
C GLY A 214 -24.13 -14.61 5.65
N PHE A 215 -23.47 -13.47 5.43
CA PHE A 215 -23.61 -12.31 6.28
C PHE A 215 -24.37 -11.24 5.50
N ALA A 216 -25.14 -10.45 6.28
CA ALA A 216 -25.86 -9.33 5.72
C ALA A 216 -24.87 -8.21 5.34
N ASN A 217 -25.32 -7.36 4.40
CA ASN A 217 -24.55 -6.19 4.00
C ASN A 217 -24.23 -5.38 5.25
N GLN A 218 -23.02 -4.81 5.22
CA GLN A 218 -22.46 -4.01 6.28
C GLN A 218 -22.32 -4.73 7.61
N THR A 219 -22.17 -6.05 7.59
CA THR A 219 -21.80 -6.74 8.85
C THR A 219 -20.45 -6.19 9.31
N GLY A 220 -20.26 -6.04 10.62
CA GLY A 220 -19.09 -5.40 11.18
C GLY A 220 -18.29 -6.39 12.00
N ASP A 221 -17.29 -5.89 12.72
CA ASP A 221 -16.19 -6.73 13.22
C ASP A 221 -16.63 -7.82 14.20
N GLU A 222 -17.48 -7.47 15.17
CA GLU A 222 -17.79 -8.38 16.27
C GLU A 222 -18.62 -9.55 15.78
N GLU A 223 -19.64 -9.26 14.94
CA GLU A 223 -20.47 -10.32 14.38
C GLU A 223 -19.62 -11.27 13.54
N PHE A 224 -18.75 -10.70 12.71
CA PHE A 224 -17.93 -11.50 11.80
C PHE A 224 -16.96 -12.37 12.58
N LEU A 225 -16.21 -11.76 13.51
CA LEU A 225 -15.18 -12.48 14.29
C LEU A 225 -15.78 -13.50 15.26
N SER A 226 -16.83 -13.16 16.01
CA SER A 226 -17.42 -14.13 16.93
C SER A 226 -17.89 -15.36 16.16
N THR A 227 -18.52 -15.15 14.98
CA THR A 227 -19.02 -16.24 14.18
C THR A 227 -17.85 -17.03 13.59
N PHE A 228 -16.89 -16.32 12.94
CA PHE A 228 -15.72 -16.98 12.37
C PHE A 228 -15.03 -17.91 13.39
N ILE A 229 -14.73 -17.37 14.58
CA ILE A 229 -14.04 -18.11 15.64
C ILE A 229 -14.79 -19.40 16.00
N GLN A 230 -16.09 -19.27 16.25
CA GLN A 230 -16.83 -20.43 16.73
C GLN A 230 -17.11 -21.45 15.64
N VAL A 231 -17.40 -20.99 14.41
CA VAL A 231 -17.69 -21.92 13.34
C VAL A 231 -16.43 -22.68 12.93
N VAL A 232 -15.32 -21.95 12.79
CA VAL A 232 -14.07 -22.61 12.41
C VAL A 232 -13.70 -23.63 13.48
N GLU A 233 -13.78 -23.24 14.76
CA GLU A 233 -13.36 -24.17 15.83
C GLU A 233 -14.17 -25.46 15.83
N MET A 234 -15.47 -25.29 15.65
CA MET A 234 -16.37 -26.41 15.46
C MET A 234 -16.00 -27.26 14.22
N ALA A 235 -15.71 -26.66 13.08
CA ALA A 235 -15.50 -27.44 11.86
C ALA A 235 -14.18 -28.21 11.98
N VAL A 236 -13.21 -27.62 12.68
CA VAL A 236 -11.93 -28.28 12.93
C VAL A 236 -12.14 -29.49 13.85
N ASN A 237 -12.90 -29.30 14.94
CA ASN A 237 -13.23 -30.37 15.86
C ASN A 237 -14.03 -31.48 15.15
N LEU A 238 -14.99 -31.08 14.29
CA LEU A 238 -15.88 -32.05 13.69
C LEU A 238 -15.12 -32.92 12.70
N HIS A 239 -14.22 -32.32 11.93
CA HIS A 239 -13.70 -32.99 10.76
C HIS A 239 -12.31 -33.50 11.01
N ARG A 240 -11.63 -33.00 12.05
CA ARG A 240 -10.27 -33.40 12.38
C ARG A 240 -9.41 -33.49 11.11
N PRO A 241 -9.26 -32.41 10.31
CA PRO A 241 -8.51 -32.45 9.06
C PRO A 241 -7.03 -32.65 9.34
N ASP A 242 -6.38 -33.34 8.40
CA ASP A 242 -4.94 -33.45 8.35
C ASP A 242 -4.26 -32.18 7.83
N LEU A 243 -5.01 -31.39 7.06
CA LEU A 243 -4.52 -30.18 6.42
C LEU A 243 -5.65 -29.18 6.31
N ILE A 244 -5.38 -27.91 6.65
CA ILE A 244 -6.29 -26.82 6.32
C ILE A 244 -5.75 -26.00 5.15
N LEU A 245 -6.62 -25.73 4.16
CA LEU A 245 -6.38 -24.69 3.19
C LEU A 245 -7.21 -23.48 3.54
N TYR A 246 -6.53 -22.39 3.86
CA TYR A 246 -7.14 -21.15 4.37
C TYR A 246 -7.05 -20.02 3.33
N ASP A 247 -8.21 -19.58 2.82
CA ASP A 247 -8.32 -18.44 1.90
C ASP A 247 -8.59 -17.20 2.77
N ALA A 248 -7.60 -16.32 2.86
CA ALA A 248 -7.62 -15.14 3.70
C ALA A 248 -7.99 -13.88 2.92
N GLY A 249 -8.91 -14.02 1.97
CA GLY A 249 -9.23 -12.91 1.11
C GLY A 249 -9.59 -11.67 1.94
N VAL A 250 -9.17 -10.47 1.45
CA VAL A 250 -9.36 -9.24 2.24
C VAL A 250 -10.45 -8.35 1.67
N ASP A 251 -11.23 -8.90 0.74
CA ASP A 251 -12.41 -8.23 0.18
C ASP A 251 -13.59 -8.16 1.16
N ILE A 252 -13.40 -8.65 2.40
CA ILE A 252 -14.33 -8.40 3.50
C ILE A 252 -14.16 -6.98 4.04
N HIS A 253 -13.05 -6.33 3.68
CA HIS A 253 -12.68 -5.04 4.22
C HIS A 253 -13.70 -3.96 3.91
N ASN A 254 -13.89 -3.06 4.87
N ASN A 254 -13.87 -3.07 4.88
CA ASN A 254 -14.94 -2.06 4.72
CA ASN A 254 -14.84 -1.99 4.80
C ASN A 254 -14.68 -1.15 3.52
C ASN A 254 -14.68 -1.17 3.51
N ASP A 255 -13.45 -0.99 3.02
CA ASP A 255 -13.25 -0.14 1.84
C ASP A 255 -13.14 -0.91 0.52
N ASP A 256 -13.42 -2.22 0.54
CA ASP A 256 -13.35 -3.02 -0.67
C ASP A 256 -14.37 -2.47 -1.67
N GLU A 257 -14.05 -2.49 -2.95
CA GLU A 257 -14.88 -1.89 -3.97
C GLU A 257 -15.85 -2.90 -4.54
N LEU A 258 -15.73 -4.19 -4.18
CA LEU A 258 -16.72 -5.17 -4.61
C LEU A 258 -17.52 -5.69 -3.42
N GLY A 259 -16.83 -5.99 -2.29
CA GLY A 259 -17.50 -6.61 -1.17
C GLY A 259 -18.42 -5.64 -0.44
N TYR A 260 -19.47 -6.16 0.23
CA TYR A 260 -20.41 -5.31 0.95
C TYR A 260 -20.31 -5.44 2.46
N LEU A 261 -19.22 -6.01 3.00
CA LEU A 261 -19.07 -6.09 4.44
C LEU A 261 -18.27 -4.89 4.95
N SER A 262 -18.27 -4.69 6.27
CA SER A 262 -17.68 -3.54 6.93
C SER A 262 -16.57 -3.94 7.93
N ILE A 263 -15.67 -4.86 7.53
CA ILE A 263 -14.66 -5.36 8.44
C ILE A 263 -13.42 -4.47 8.40
N SER A 264 -12.83 -4.22 9.59
CA SER A 264 -11.70 -3.33 9.72
C SER A 264 -10.41 -4.11 9.44
N GLN A 265 -9.31 -3.39 9.14
CA GLN A 265 -8.00 -4.00 9.02
C GLN A 265 -7.60 -4.70 10.35
N ALA A 266 -7.95 -4.09 11.49
CA ALA A 266 -7.71 -4.69 12.80
C ALA A 266 -8.42 -6.03 12.92
N ALA A 267 -9.65 -6.14 12.43
CA ALA A 267 -10.40 -7.39 12.55
C ALA A 267 -9.85 -8.47 11.59
N ILE A 268 -9.34 -8.03 10.43
CA ILE A 268 -8.67 -8.94 9.49
C ILE A 268 -7.46 -9.57 10.20
N ALA A 269 -6.70 -8.72 10.87
CA ALA A 269 -5.57 -9.18 11.67
C ALA A 269 -5.99 -10.19 12.72
N GLN A 270 -7.04 -9.88 13.46
CA GLN A 270 -7.52 -10.80 14.49
C GLN A 270 -8.00 -12.12 13.87
N ARG A 271 -8.67 -12.06 12.70
CA ARG A 271 -9.10 -13.25 12.00
C ARG A 271 -7.91 -14.17 11.70
N ASP A 272 -6.82 -13.60 11.14
CA ASP A 272 -5.64 -14.33 10.69
C ASP A 272 -4.88 -14.88 11.90
N ARG A 273 -4.79 -14.07 12.96
N ARG A 273 -4.80 -14.07 12.96
CA ARG A 273 -4.15 -14.47 14.20
CA ARG A 273 -4.13 -14.47 14.19
C ARG A 273 -4.88 -15.66 14.80
C ARG A 273 -4.88 -15.64 14.81
N PHE A 274 -6.23 -15.59 14.81
CA PHE A 274 -7.01 -16.67 15.36
C PHE A 274 -6.85 -17.93 14.55
N MET A 275 -6.97 -17.83 13.24
CA MET A 275 -6.93 -19.01 12.37
C MET A 275 -5.60 -19.76 12.52
N LEU A 276 -4.51 -18.99 12.36
CA LEU A 276 -3.17 -19.55 12.42
C LEU A 276 -2.89 -20.08 13.83
N GLY A 277 -3.32 -19.38 14.88
CA GLY A 277 -3.10 -19.85 16.24
C GLY A 277 -3.89 -21.15 16.54
N LEU A 278 -5.11 -21.28 15.99
CA LEU A 278 -5.86 -22.52 16.17
C LEU A 278 -5.12 -23.66 15.51
N ALA A 279 -4.69 -23.48 14.26
CA ALA A 279 -4.04 -24.58 13.54
C ALA A 279 -2.85 -25.06 14.39
N LYS A 280 -2.07 -24.11 14.90
CA LYS A 280 -0.86 -24.39 15.64
C LYS A 280 -1.20 -25.13 16.93
N GLN A 281 -2.11 -24.60 17.73
CA GLN A 281 -2.59 -25.26 18.93
C GLN A 281 -3.02 -26.71 18.69
N GLU A 282 -3.67 -26.98 17.54
CA GLU A 282 -4.21 -28.29 17.20
C GLU A 282 -3.16 -29.11 16.45
N SER A 283 -2.00 -28.53 16.13
CA SER A 283 -0.98 -29.19 15.33
C SER A 283 -1.51 -29.63 13.99
N ILE A 284 -2.27 -28.76 13.32
CA ILE A 284 -2.71 -29.05 11.96
C ILE A 284 -2.01 -28.13 10.95
N PRO A 285 -1.27 -28.71 9.98
CA PRO A 285 -0.61 -27.91 8.95
C PRO A 285 -1.65 -27.00 8.26
N ILE A 286 -1.26 -25.74 8.04
CA ILE A 286 -2.16 -24.80 7.40
C ILE A 286 -1.49 -24.11 6.21
N ALA A 287 -2.10 -24.28 5.03
CA ALA A 287 -1.61 -23.67 3.82
C ALA A 287 -2.56 -22.52 3.41
N CYS A 288 -2.04 -21.29 3.33
CA CYS A 288 -2.81 -20.07 3.23
C CYS A 288 -2.67 -19.52 1.81
N VAL A 289 -3.80 -18.97 1.30
CA VAL A 289 -3.81 -18.25 0.04
C VAL A 289 -4.36 -16.86 0.37
N ILE A 290 -3.85 -15.85 -0.29
CA ILE A 290 -4.23 -14.47 0.12
C ILE A 290 -5.60 -14.10 -0.44
N GLY A 291 -6.02 -14.79 -1.49
CA GLY A 291 -7.37 -14.61 -2.03
C GLY A 291 -7.60 -13.22 -2.58
N GLY A 292 -8.84 -12.74 -2.44
CA GLY A 292 -9.28 -11.60 -3.23
C GLY A 292 -9.11 -10.27 -2.50
N GLY A 293 -9.66 -9.22 -3.08
CA GLY A 293 -9.38 -7.84 -2.67
C GLY A 293 -9.52 -6.95 -3.88
N TYR A 294 -10.32 -5.85 -3.76
CA TYR A 294 -10.60 -4.99 -4.90
C TYR A 294 -10.46 -3.52 -4.49
N ARG A 295 -9.50 -2.83 -5.12
CA ARG A 295 -9.22 -1.41 -4.93
C ARG A 295 -8.50 -0.94 -6.19
N GLU A 296 -8.97 0.15 -6.77
CA GLU A 296 -8.38 0.73 -7.96
C GLU A 296 -6.96 1.15 -7.61
N ASP A 297 -6.73 1.51 -6.36
CA ASP A 297 -5.40 1.69 -5.82
C ASP A 297 -4.89 0.32 -5.35
N HIS A 298 -4.24 -0.43 -6.25
CA HIS A 298 -4.01 -1.83 -6.00
C HIS A 298 -3.13 -1.97 -4.76
N ALA A 299 -2.22 -0.99 -4.54
CA ALA A 299 -1.27 -1.10 -3.43
C ALA A 299 -2.00 -0.99 -2.10
N ALA A 300 -3.22 -0.41 -2.10
CA ALA A 300 -3.99 -0.29 -0.86
C ALA A 300 -4.29 -1.66 -0.26
N LEU A 301 -4.26 -2.72 -1.07
CA LEU A 301 -4.51 -4.07 -0.56
C LEU A 301 -3.30 -4.62 0.23
N VAL A 302 -2.13 -4.03 0.02
CA VAL A 302 -0.88 -4.60 0.50
C VAL A 302 -0.92 -4.68 2.00
N PRO A 303 -1.24 -3.59 2.76
CA PRO A 303 -1.26 -3.69 4.23
C PRO A 303 -2.29 -4.69 4.76
N LEU A 304 -3.37 -4.89 3.98
CA LEU A 304 -4.43 -5.83 4.40
C LEU A 304 -3.93 -7.27 4.32
N HIS A 305 -3.34 -7.62 3.20
CA HIS A 305 -2.70 -8.95 3.03
C HIS A 305 -1.52 -9.18 3.97
N LEU A 306 -0.76 -8.11 4.28
CA LEU A 306 0.41 -8.21 5.14
C LEU A 306 0.01 -8.64 6.56
N GLU A 307 -1.25 -8.37 6.95
CA GLU A 307 -1.77 -8.84 8.22
C GLU A 307 -1.62 -10.36 8.36
N LEU A 308 -1.79 -11.11 7.31
CA LEU A 308 -1.61 -12.56 7.40
C LEU A 308 -0.18 -12.91 7.80
N LEU A 309 0.79 -12.18 7.24
CA LEU A 309 2.20 -12.42 7.52
C LEU A 309 2.50 -11.99 8.95
N LYS A 310 2.00 -10.81 9.39
CA LYS A 310 2.21 -10.41 10.76
C LYS A 310 1.65 -11.45 11.73
N ALA A 311 0.51 -12.04 11.39
CA ALA A 311 -0.12 -13.06 12.20
C ALA A 311 0.79 -14.29 12.29
N ALA A 312 1.32 -14.72 11.16
CA ALA A 312 2.18 -15.89 11.13
C ALA A 312 3.46 -15.62 11.92
N LEU A 313 4.00 -14.40 11.80
CA LEU A 313 5.22 -13.98 12.45
C LEU A 313 5.03 -14.07 13.97
N LEU A 314 3.95 -13.50 14.51
CA LEU A 314 3.65 -13.49 15.93
C LEU A 314 3.44 -14.92 16.42
N SER A 315 2.65 -15.67 15.65
CA SER A 315 2.28 -17.06 15.96
C SER A 315 3.52 -17.95 16.03
N ALA A 316 4.57 -17.65 15.26
CA ALA A 316 5.73 -18.51 15.17
C ALA A 316 6.66 -18.25 16.35
N GLY A 317 6.66 -17.02 16.90
CA GLY A 317 7.28 -16.72 18.18
C GLY A 317 8.35 -15.63 18.10
N TYR A 318 8.03 -14.57 17.34
CA TYR A 318 8.88 -13.39 17.20
C TYR A 318 8.00 -12.14 17.41
N VAL B 9 -6.94 13.04 -20.67
CA VAL B 9 -7.49 14.41 -20.93
C VAL B 9 -8.54 14.73 -19.87
N GLY B 10 -8.40 15.90 -19.22
CA GLY B 10 -9.24 16.26 -18.08
C GLY B 10 -8.40 16.35 -16.80
N THR B 11 -7.26 15.63 -16.83
CA THR B 11 -6.14 15.74 -15.90
C THR B 11 -6.57 15.26 -14.50
N MET B 12 -6.44 13.94 -14.31
CA MET B 12 -6.34 13.25 -13.04
C MET B 12 -5.15 13.70 -12.20
N ILE B 13 -5.35 13.84 -10.89
CA ILE B 13 -4.34 14.27 -9.95
C ILE B 13 -4.05 13.13 -8.97
N PRO B 14 -2.96 12.39 -9.15
CA PRO B 14 -2.58 11.42 -8.13
C PRO B 14 -2.34 12.03 -6.75
N LEU B 15 -2.91 11.35 -5.74
CA LEU B 15 -2.68 11.61 -4.34
C LEU B 15 -2.01 10.40 -3.71
N ILE B 16 -0.96 10.62 -2.90
CA ILE B 16 -0.20 9.54 -2.29
C ILE B 16 -0.40 9.56 -0.80
N TYR B 17 -0.81 8.40 -0.26
CA TYR B 17 -1.25 8.27 1.13
C TYR B 17 -1.07 6.83 1.62
N HIS B 18 -0.51 6.63 2.83
CA HIS B 18 -0.52 5.33 3.47
C HIS B 18 -1.18 5.46 4.84
N PRO B 19 -1.98 4.46 5.27
CA PRO B 19 -2.68 4.54 6.56
C PRO B 19 -1.75 4.60 7.75
N ILE B 20 -0.47 4.24 7.58
CA ILE B 20 0.44 4.24 8.71
C ILE B 20 0.83 5.68 9.06
N TYR B 21 0.53 6.65 8.17
CA TYR B 21 1.00 8.03 8.38
C TYR B 21 0.59 8.62 9.76
N SER B 22 -0.60 8.31 10.24
CA SER B 22 -1.02 8.80 11.54
C SER B 22 -0.91 7.77 12.70
N GLN B 23 -0.26 6.64 12.49
CA GLN B 23 -0.41 5.55 13.44
C GLN B 23 0.80 5.47 14.34
N LEU B 24 1.28 6.62 14.79
CA LEU B 24 2.47 6.64 15.63
C LEU B 24 1.98 6.91 17.05
N ASP B 25 2.55 6.25 18.06
CA ASP B 25 1.95 6.43 19.38
C ASP B 25 2.74 7.51 20.11
N LEU B 26 2.11 8.67 20.29
CA LEU B 26 2.81 9.82 20.81
C LEU B 26 2.01 10.30 21.98
N PRO B 27 2.64 10.85 23.04
CA PRO B 27 1.86 11.44 24.12
C PRO B 27 0.98 12.55 23.54
N VAL B 28 -0.19 12.75 24.11
CA VAL B 28 -0.86 14.04 24.06
C VAL B 28 0.11 15.08 24.65
N GLY B 29 0.18 16.25 24.04
CA GLY B 29 1.20 17.19 24.46
C GLY B 29 2.37 17.23 23.47
N HIS B 30 2.62 16.13 22.74
CA HIS B 30 3.73 16.07 21.81
C HIS B 30 3.52 17.14 20.76
N ARG B 31 4.60 17.77 20.31
CA ARG B 31 4.50 18.93 19.44
C ARG B 31 4.04 18.52 18.02
N TYR B 32 4.30 17.26 17.60
CA TYR B 32 4.12 16.87 16.23
C TYR B 32 2.67 16.52 16.02
N PRO B 33 2.00 17.12 15.02
CA PRO B 33 0.54 16.99 14.87
C PRO B 33 0.18 15.72 14.09
N ILE B 34 0.50 14.57 14.70
CA ILE B 34 0.52 13.26 14.05
C ILE B 34 -0.82 12.90 13.38
N ASN B 35 -1.94 13.42 13.88
CA ASN B 35 -3.22 12.98 13.35
C ASN B 35 -3.59 13.75 12.09
N LYS B 36 -2.84 14.75 11.68
CA LYS B 36 -3.28 15.61 10.60
C LYS B 36 -3.37 14.80 9.30
N TYR B 37 -2.54 13.79 9.18
CA TYR B 37 -2.43 13.04 7.95
C TYR B 37 -3.73 12.31 7.68
N ARG B 38 -4.14 11.50 8.62
CA ARG B 38 -5.38 10.73 8.48
C ARG B 38 -6.59 11.64 8.40
N LEU B 39 -6.59 12.75 9.18
CA LEU B 39 -7.70 13.68 9.13
C LEU B 39 -7.83 14.32 7.74
N LEU B 40 -6.69 14.73 7.19
CA LEU B 40 -6.70 15.32 5.86
C LEU B 40 -7.18 14.30 4.80
N TYR B 41 -6.64 13.09 4.85
CA TYR B 41 -7.10 12.02 3.99
C TYR B 41 -8.62 11.80 4.09
N GLU B 42 -9.13 11.65 5.31
CA GLU B 42 -10.56 11.47 5.50
C GLU B 42 -11.42 12.64 5.00
N GLU B 43 -10.93 13.89 5.18
CA GLU B 43 -11.57 15.07 4.62
C GLU B 43 -11.65 14.95 3.10
N ILE B 44 -10.61 14.44 2.47
CA ILE B 44 -10.62 14.33 1.02
C ILE B 44 -11.56 13.21 0.60
N VAL B 45 -11.50 12.11 1.34
CA VAL B 45 -12.48 11.03 1.12
C VAL B 45 -13.91 11.57 1.19
N ARG B 46 -14.20 12.50 2.10
CA ARG B 46 -15.53 13.09 2.24
C ARG B 46 -15.86 14.03 1.09
N GLN B 47 -14.88 14.85 0.67
CA GLN B 47 -15.02 15.69 -0.51
C GLN B 47 -15.45 14.85 -1.72
N ARG B 48 -14.80 13.68 -1.92
N ARG B 48 -14.84 13.66 -1.91
CA ARG B 48 -15.08 12.77 -3.01
CA ARG B 48 -15.09 12.77 -3.04
C ARG B 48 -16.53 12.24 -2.98
C ARG B 48 -16.46 12.07 -2.99
N GLU B 49 -17.03 11.86 -1.80
CA GLU B 49 -18.44 11.51 -1.64
C GLU B 49 -19.39 12.65 -1.97
N GLN B 50 -19.05 13.90 -1.63
CA GLN B 50 -19.98 15.00 -1.76
C GLN B 50 -19.95 15.60 -3.15
N SER B 51 -18.91 15.31 -3.95
CA SER B 51 -18.64 16.06 -5.16
C SER B 51 -18.10 15.16 -6.28
N GLU B 52 -18.77 15.20 -7.45
CA GLU B 52 -18.39 14.38 -8.60
C GLU B 52 -17.08 14.89 -9.16
N ALA B 53 -16.85 16.23 -9.08
CA ALA B 53 -15.58 16.84 -9.46
C ALA B 53 -14.39 16.27 -8.67
N TRP B 54 -14.53 16.13 -7.34
CA TRP B 54 -13.46 15.54 -6.54
C TRP B 54 -13.29 14.04 -6.82
N GLN B 55 -14.44 13.36 -7.04
CA GLN B 55 -14.47 11.94 -7.35
C GLN B 55 -13.65 11.63 -8.60
N ALA B 56 -13.96 12.35 -9.68
CA ALA B 56 -13.37 12.14 -11.00
C ALA B 56 -11.97 12.77 -11.20
N SER B 57 -11.57 13.80 -10.42
CA SER B 57 -10.31 14.49 -10.64
C SER B 57 -9.15 13.91 -9.82
N PHE B 58 -9.40 13.12 -8.77
CA PHE B 58 -8.35 12.70 -7.85
C PHE B 58 -8.44 11.17 -7.81
N GLU B 59 -7.30 10.51 -7.61
CA GLU B 59 -7.21 9.09 -7.31
C GLU B 59 -6.09 8.90 -6.30
N PHE B 60 -6.19 7.87 -5.46
CA PHE B 60 -5.20 7.57 -4.43
C PHE B 60 -4.21 6.50 -4.86
N HIS B 61 -2.96 6.60 -4.36
CA HIS B 61 -1.92 5.64 -4.61
C HIS B 61 -1.24 5.49 -3.27
N THR B 62 -1.22 4.23 -2.82
CA THR B 62 -0.57 3.84 -1.58
C THR B 62 0.84 3.44 -1.96
N PRO B 63 1.84 3.95 -1.24
CA PRO B 63 3.23 3.51 -1.43
C PRO B 63 3.63 2.24 -0.72
N ILE B 64 4.65 1.57 -1.22
CA ILE B 64 5.32 0.62 -0.31
C ILE B 64 6.57 1.29 0.26
N ALA B 65 7.17 0.73 1.32
CA ALA B 65 8.39 1.30 1.88
C ALA B 65 9.47 1.53 0.81
N ALA B 66 10.25 2.62 0.99
CA ALA B 66 11.45 2.84 0.18
C ALA B 66 12.49 1.76 0.48
N GLU B 67 13.14 1.34 -0.60
CA GLU B 67 14.30 0.44 -0.53
C GLU B 67 15.46 1.15 0.16
N LEU B 68 16.26 0.41 0.93
CA LEU B 68 17.33 1.08 1.65
C LEU B 68 18.37 1.69 0.70
N SER B 69 18.54 1.07 -0.47
CA SER B 69 19.45 1.52 -1.49
C SER B 69 19.00 2.84 -2.10
N ARG B 70 17.78 3.30 -1.83
CA ARG B 70 17.42 4.66 -2.25
C ARG B 70 17.82 5.70 -1.20
N ILE B 71 18.08 5.25 0.03
CA ILE B 71 18.36 6.13 1.13
C ILE B 71 19.87 6.33 1.33
N THR B 72 20.71 5.29 1.17
CA THR B 72 22.12 5.39 1.50
C THR B 72 22.93 6.24 0.52
N PRO B 73 22.51 6.54 -0.74
CA PRO B 73 23.24 7.55 -1.51
C PRO B 73 23.04 8.98 -0.98
N LEU B 74 22.11 9.23 -0.07
CA LEU B 74 22.03 10.53 0.56
C LEU B 74 22.49 10.47 2.01
N HIS B 75 22.10 9.41 2.72
CA HIS B 75 22.38 9.31 4.14
C HIS B 75 23.49 8.30 4.41
N ASP B 76 24.29 8.63 5.40
CA ASP B 76 25.36 7.79 5.91
C ASP B 76 24.81 6.41 6.31
N PRO B 77 25.34 5.28 5.81
CA PRO B 77 24.83 3.96 6.22
C PRO B 77 24.80 3.63 7.71
N ASP B 78 25.75 4.17 8.50
CA ASP B 78 25.78 3.85 9.91
C ASP B 78 24.68 4.62 10.63
N TYR B 79 24.38 5.83 10.14
CA TYR B 79 23.25 6.63 10.64
C TYR B 79 21.98 5.85 10.31
N VAL B 80 21.88 5.34 9.08
CA VAL B 80 20.68 4.64 8.68
C VAL B 80 20.49 3.40 9.56
N GLN B 81 21.57 2.59 9.68
N GLN B 81 21.56 2.59 9.70
CA GLN B 81 21.50 1.33 10.40
CA GLN B 81 21.46 1.35 10.42
C GLN B 81 21.11 1.60 11.87
C GLN B 81 21.12 1.56 11.90
N ALA B 82 21.70 2.62 12.48
CA ALA B 82 21.38 3.03 13.84
C ALA B 82 19.85 3.30 13.99
N LEU B 83 19.24 3.91 13.00
CA LEU B 83 17.83 4.24 13.07
C LEU B 83 16.98 3.00 12.85
N LEU B 84 17.41 2.13 11.96
CA LEU B 84 16.66 0.94 11.66
C LEU B 84 16.58 0.07 12.90
N GLU B 85 17.69 -0.05 13.60
CA GLU B 85 17.86 -0.99 14.71
C GLU B 85 17.57 -0.30 16.04
N GLY B 86 17.19 0.98 16.02
CA GLY B 86 16.85 1.64 17.26
C GLY B 86 18.04 1.74 18.23
N ARG B 87 19.26 1.94 17.68
CA ARG B 87 20.50 2.06 18.44
C ARG B 87 21.10 3.48 18.31
N LEU B 88 20.27 4.45 17.93
CA LEU B 88 20.76 5.82 17.83
C LEU B 88 20.86 6.30 19.27
N PRO B 89 21.99 6.93 19.70
CA PRO B 89 22.07 7.50 21.03
C PRO B 89 20.88 8.38 21.37
N ALA B 90 20.45 8.28 22.63
CA ALA B 90 19.31 9.00 23.17
C ALA B 90 19.33 10.48 22.82
N ALA B 91 20.51 11.08 22.82
CA ALA B 91 20.68 12.51 22.61
C ALA B 91 20.26 12.85 21.17
N LYS B 92 20.69 12.00 20.25
CA LYS B 92 20.47 12.16 18.82
C LYS B 92 19.02 11.87 18.49
N MET B 93 18.39 10.92 19.19
CA MET B 93 16.97 10.63 19.05
C MET B 93 16.10 11.79 19.52
N ARG B 94 16.53 12.48 20.57
CA ARG B 94 15.75 13.56 21.11
C ARG B 94 15.88 14.80 20.20
N ARG B 95 17.01 14.94 19.52
CA ARG B 95 17.16 16.06 18.60
C ARG B 95 16.25 15.85 17.38
N ILE B 96 16.05 14.58 16.99
CA ILE B 96 15.00 14.26 16.02
C ILE B 96 13.61 14.63 16.54
N GLY B 97 13.32 14.38 17.81
CA GLY B 97 12.09 14.88 18.44
C GLY B 97 10.99 13.81 18.63
N PHE B 98 11.30 12.55 18.39
CA PHE B 98 10.38 11.45 18.58
C PHE B 98 11.06 10.42 19.45
N PRO B 99 10.30 9.61 20.23
CA PRO B 99 10.87 8.42 20.81
C PRO B 99 11.05 7.44 19.65
N TRP B 100 12.07 6.58 19.74
CA TRP B 100 12.25 5.57 18.73
C TRP B 100 11.18 4.50 18.87
N SER B 101 10.71 3.98 17.75
CA SER B 101 9.90 2.77 17.72
C SER B 101 10.08 2.17 16.33
N LYS B 102 9.77 0.88 16.20
CA LYS B 102 9.67 0.28 14.89
C LYS B 102 8.65 1.03 14.00
N THR B 103 7.51 1.40 14.60
CA THR B 103 6.48 2.04 13.83
C THR B 103 7.01 3.35 13.25
N LEU B 104 7.80 4.10 14.02
CA LEU B 104 8.39 5.32 13.49
C LEU B 104 9.19 5.03 12.22
N ILE B 105 10.02 3.99 12.29
CA ILE B 105 10.85 3.65 11.16
C ILE B 105 10.00 3.23 9.99
N GLU B 106 9.00 2.38 10.25
CA GLU B 106 8.13 1.91 9.19
C GLU B 106 7.40 3.08 8.53
N ARG B 107 6.91 4.01 9.35
CA ARG B 107 6.17 5.17 8.85
C ARG B 107 7.09 6.03 7.98
N THR B 108 8.30 6.32 8.46
CA THR B 108 9.30 7.13 7.75
C THR B 108 9.61 6.49 6.40
N LEU B 109 9.90 5.18 6.39
CA LEU B 109 10.33 4.54 5.14
C LEU B 109 9.17 4.57 4.13
N HIS B 110 7.91 4.45 4.66
CA HIS B 110 6.76 4.44 3.77
C HIS B 110 6.59 5.84 3.20
N SER B 111 6.78 6.89 4.03
CA SER B 111 6.64 8.25 3.57
C SER B 111 7.74 8.61 2.55
N VAL B 112 9.00 8.22 2.80
CA VAL B 112 10.05 8.38 1.78
C VAL B 112 9.61 7.70 0.48
N GLY B 113 9.15 6.43 0.57
CA GLY B 113 8.57 5.76 -0.60
C GLY B 113 7.48 6.59 -1.26
N GLY B 114 6.69 7.28 -0.42
CA GLY B 114 5.60 8.07 -0.93
C GLY B 114 6.02 9.28 -1.73
N THR B 115 7.04 9.97 -1.27
CA THR B 115 7.56 11.10 -2.01
C THR B 115 8.12 10.63 -3.35
N CYS B 116 8.77 9.43 -3.37
CA CYS B 116 9.32 8.89 -4.59
C CYS B 116 8.19 8.50 -5.54
N LEU B 117 7.09 7.94 -4.99
CA LEU B 117 5.95 7.62 -5.84
C LEU B 117 5.27 8.87 -6.40
N THR B 118 5.19 9.95 -5.58
CA THR B 118 4.66 11.21 -6.03
C THR B 118 5.44 11.74 -7.22
N VAL B 119 6.74 11.57 -7.19
CA VAL B 119 7.59 11.88 -8.33
C VAL B 119 7.18 11.08 -9.57
N GLU B 120 7.02 9.76 -9.42
CA GLU B 120 6.74 8.96 -10.61
C GLU B 120 5.35 9.32 -11.11
N GLN B 121 4.48 9.67 -10.16
CA GLN B 121 3.13 10.00 -10.54
C GLN B 121 3.11 11.35 -11.22
N ALA B 122 3.84 12.33 -10.67
CA ALA B 122 3.92 13.64 -11.33
C ALA B 122 4.50 13.54 -12.76
N LEU B 123 5.54 12.74 -12.96
CA LEU B 123 6.05 12.50 -14.31
C LEU B 123 4.94 12.03 -15.24
N GLN B 124 4.06 11.14 -14.76
CA GLN B 124 3.03 10.58 -15.62
C GLN B 124 1.90 11.57 -15.86
N SER B 125 1.36 12.18 -14.80
CA SER B 125 0.17 13.02 -14.88
C SER B 125 0.41 14.52 -14.92
N GLY B 126 1.62 15.02 -14.60
CA GLY B 126 1.90 16.47 -14.65
C GLY B 126 1.98 17.02 -13.22
N VAL B 127 1.10 16.52 -12.37
CA VAL B 127 0.85 17.03 -11.04
C VAL B 127 0.57 15.84 -10.13
N ALA B 128 1.29 15.74 -8.99
CA ALA B 128 0.95 14.76 -7.98
C ALA B 128 1.23 15.33 -6.58
N ILE B 129 0.36 14.98 -5.63
CA ILE B 129 0.44 15.45 -4.26
C ILE B 129 0.59 14.32 -3.25
N HIS B 130 1.67 14.44 -2.44
CA HIS B 130 1.90 13.61 -1.29
C HIS B 130 1.22 14.21 -0.06
N LEU B 131 0.43 13.41 0.64
CA LEU B 131 -0.23 13.79 1.87
C LEU B 131 0.65 13.59 3.11
N SER B 132 1.96 13.80 2.89
CA SER B 132 2.99 13.61 3.88
C SER B 132 4.20 14.30 3.29
N GLY B 133 5.35 14.17 3.95
CA GLY B 133 6.58 14.51 3.33
C GLY B 133 7.07 15.89 3.72
N GLY B 134 8.25 16.19 3.21
CA GLY B 134 8.90 17.47 3.43
C GLY B 134 9.85 17.44 4.61
N TYR B 135 10.68 16.40 4.70
CA TYR B 135 11.55 16.21 5.87
C TYR B 135 12.93 16.85 5.63
N HIS B 136 12.93 18.18 5.51
CA HIS B 136 14.02 18.96 4.97
C HIS B 136 15.11 19.20 6.04
N HIS B 137 14.87 18.77 7.28
CA HIS B 137 15.86 18.96 8.32
C HIS B 137 16.75 17.73 8.54
N ALA B 138 16.62 16.72 7.70
CA ALA B 138 17.51 15.60 7.81
C ALA B 138 18.72 15.84 6.92
N HIS B 139 19.91 15.65 7.53
CA HIS B 139 21.19 15.80 6.85
C HIS B 139 21.77 14.41 6.55
N ALA B 140 22.93 14.36 5.92
CA ALA B 140 23.54 13.06 5.56
C ALA B 140 23.69 12.13 6.75
N ASP B 141 24.08 12.67 7.89
CA ASP B 141 24.49 11.79 8.97
C ASP B 141 23.80 12.17 10.27
N PHE B 142 22.86 13.10 10.25
CA PHE B 142 22.04 13.24 11.44
C PHE B 142 20.67 13.78 11.09
N GLY B 143 19.74 13.57 12.03
CA GLY B 143 18.37 14.01 11.92
C GLY B 143 18.07 15.09 12.95
N SER B 144 17.02 15.87 12.65
CA SER B 144 16.57 16.97 13.49
C SER B 144 15.19 17.39 13.04
N GLY B 145 14.52 18.15 13.92
CA GLY B 145 13.31 18.86 13.53
C GLY B 145 12.25 17.92 12.94
N PHE B 146 12.12 16.76 13.56
CA PHE B 146 11.13 15.73 13.21
C PHE B 146 11.48 14.99 11.92
N CYS B 147 12.74 15.08 11.49
CA CYS B 147 13.11 14.50 10.23
C CYS B 147 14.16 13.42 10.45
N LEU B 148 13.94 12.24 9.88
CA LEU B 148 14.95 11.21 10.00
C LEU B 148 15.76 11.10 8.70
N PHE B 149 15.00 11.01 7.62
CA PHE B 149 15.55 10.90 6.27
C PHE B 149 14.89 11.93 5.38
N ASN B 150 15.68 12.47 4.46
CA ASN B 150 15.27 13.64 3.69
C ASN B 150 14.62 13.18 2.39
N ASP B 151 13.28 13.11 2.44
CA ASP B 151 12.49 12.59 1.35
C ASP B 151 12.64 13.43 0.08
N LEU B 152 12.81 14.76 0.23
CA LEU B 152 13.00 15.65 -0.89
C LEU B 152 14.28 15.36 -1.67
N ALA B 153 15.39 15.25 -0.93
CA ALA B 153 16.67 14.94 -1.53
C ALA B 153 16.69 13.51 -2.08
N ILE B 154 16.10 12.59 -1.35
CA ILE B 154 16.03 11.18 -1.80
C ILE B 154 15.22 11.08 -3.06
N ALA B 155 14.12 11.81 -3.13
CA ALA B 155 13.22 11.73 -4.26
C ALA B 155 13.83 12.47 -5.46
N ALA B 156 14.59 13.55 -5.20
CA ALA B 156 15.28 14.24 -6.29
C ALA B 156 16.36 13.34 -6.90
N HIS B 157 17.13 12.69 -6.04
CA HIS B 157 18.17 11.76 -6.44
C HIS B 157 17.58 10.65 -7.30
N PHE B 158 16.44 10.12 -6.85
CA PHE B 158 15.78 9.04 -7.55
C PHE B 158 15.29 9.51 -8.92
N ALA B 159 14.71 10.70 -8.95
CA ALA B 159 14.16 11.25 -10.17
C ALA B 159 15.22 11.29 -11.25
N LEU B 160 16.45 11.67 -10.87
CA LEU B 160 17.61 11.77 -11.75
C LEU B 160 18.05 10.42 -12.30
N SER B 161 17.67 9.30 -11.68
CA SER B 161 17.90 8.00 -12.31
C SER B 161 16.93 7.78 -13.49
N LEU B 162 15.90 8.58 -13.64
CA LEU B 162 14.86 8.27 -14.61
C LEU B 162 15.20 9.00 -15.91
N PRO B 163 14.65 8.53 -17.06
CA PRO B 163 15.13 8.94 -18.38
C PRO B 163 14.90 10.41 -18.72
N SER B 164 13.73 10.92 -18.38
CA SER B 164 13.41 12.24 -18.86
C SER B 164 13.99 13.34 -17.95
N VAL B 165 14.64 12.99 -16.81
CA VAL B 165 14.94 13.99 -15.79
C VAL B 165 16.44 14.23 -15.70
N ASP B 166 16.90 15.43 -16.02
CA ASP B 166 18.30 15.77 -15.84
C ASP B 166 18.52 16.84 -14.77
N LYS B 167 17.44 17.52 -14.35
CA LYS B 167 17.61 18.68 -13.48
C LYS B 167 16.36 18.77 -12.62
N VAL B 168 16.55 18.81 -11.29
CA VAL B 168 15.47 18.92 -10.34
C VAL B 168 15.63 20.20 -9.53
N LEU B 169 14.54 20.98 -9.44
CA LEU B 169 14.42 22.14 -8.57
C LEU B 169 13.49 21.86 -7.39
N ILE B 170 14.01 21.99 -6.17
CA ILE B 170 13.25 21.83 -4.96
C ILE B 170 12.86 23.24 -4.49
N ILE B 171 11.55 23.49 -4.40
CA ILE B 171 11.00 24.76 -3.95
C ILE B 171 10.29 24.59 -2.61
N ASP B 172 10.92 25.15 -1.58
CA ASP B 172 10.55 24.87 -0.21
C ASP B 172 9.93 26.11 0.42
N SER B 173 8.59 26.11 0.59
CA SER B 173 7.80 27.23 1.07
C SER B 173 7.36 27.04 2.51
N ASP B 174 7.79 25.91 3.13
CA ASP B 174 7.64 25.72 4.57
C ASP B 174 8.35 26.87 5.30
N VAL B 175 7.87 27.24 6.48
CA VAL B 175 8.34 28.48 7.13
C VAL B 175 9.78 28.29 7.62
N HIS B 176 10.25 27.03 7.70
CA HIS B 176 11.57 26.75 8.23
C HIS B 176 12.51 26.55 7.05
N HIS B 177 13.75 26.97 7.26
CA HIS B 177 14.83 26.79 6.31
C HIS B 177 15.06 25.28 6.02
N GLY B 178 15.12 24.90 4.74
CA GLY B 178 15.47 23.56 4.29
C GLY B 178 16.98 23.27 4.38
N ASP B 179 17.48 23.19 5.62
CA ASP B 179 18.90 23.16 5.89
C ASP B 179 19.49 21.82 5.48
N GLY B 180 18.78 20.74 5.87
CA GLY B 180 19.21 19.41 5.45
C GLY B 180 19.30 19.33 3.94
N THR B 181 18.19 19.69 3.30
CA THR B 181 18.14 19.68 1.85
C THR B 181 19.33 20.47 1.27
N ALA B 182 19.58 21.67 1.83
CA ALA B 182 20.68 22.54 1.36
C ALA B 182 22.03 21.82 1.42
N THR B 183 22.35 21.16 2.55
CA THR B 183 23.66 20.54 2.69
C THR B 183 23.78 19.33 1.78
N LEU B 184 22.67 18.61 1.57
CA LEU B 184 22.70 17.38 0.82
C LEU B 184 22.94 17.68 -0.67
N CYS B 185 22.47 18.84 -1.12
CA CYS B 185 22.49 19.19 -2.53
C CYS B 185 23.50 20.30 -2.84
N ALA B 186 24.30 20.71 -1.85
CA ALA B 186 25.17 21.87 -2.05
C ALA B 186 26.22 21.67 -3.16
N GLU B 187 26.66 20.44 -3.39
CA GLU B 187 27.77 20.23 -4.30
C GLU B 187 27.29 19.53 -5.57
N ARG B 188 25.99 19.48 -5.81
CA ARG B 188 25.41 18.84 -6.98
C ARG B 188 24.81 19.93 -7.87
N ASP B 189 25.04 19.93 -9.20
CA ASP B 189 24.43 20.98 -10.01
C ASP B 189 23.16 20.45 -10.69
N ASP B 190 22.80 19.20 -10.40
CA ASP B 190 21.64 18.54 -10.99
C ASP B 190 20.43 18.67 -10.06
N ILE B 191 20.67 19.09 -8.78
CA ILE B 191 19.58 19.43 -7.86
C ILE B 191 19.79 20.85 -7.37
N ILE B 192 18.79 21.72 -7.50
CA ILE B 192 18.85 23.12 -7.16
C ILE B 192 17.84 23.35 -6.02
N THR B 193 18.23 24.10 -4.96
CA THR B 193 17.42 24.26 -3.79
C THR B 193 17.08 25.74 -3.63
N LEU B 194 15.80 25.98 -3.42
CA LEU B 194 15.26 27.31 -3.19
C LEU B 194 14.44 27.16 -1.91
N SER B 195 14.77 28.00 -0.91
CA SER B 195 14.03 27.98 0.34
C SER B 195 13.52 29.40 0.61
N PHE B 196 12.21 29.49 0.90
CA PHE B 196 11.62 30.64 1.59
C PHE B 196 11.42 30.26 3.04
N HIS B 197 11.62 31.22 3.96
CA HIS B 197 11.54 30.89 5.36
C HIS B 197 11.51 32.15 6.21
N CYS B 198 11.11 31.93 7.44
CA CYS B 198 11.27 32.95 8.45
C CYS B 198 12.67 32.84 9.05
N ASP B 199 13.35 33.97 9.04
CA ASP B 199 14.76 33.97 9.37
C ASP B 199 14.98 33.64 10.83
N LYS B 200 14.07 34.07 11.69
CA LYS B 200 14.23 33.84 13.11
C LYS B 200 13.68 32.49 13.54
N ASN B 201 13.05 31.73 12.64
CA ASN B 201 12.62 30.38 13.01
C ASN B 201 13.84 29.44 12.97
N PHE B 202 13.73 28.33 13.73
CA PHE B 202 14.57 27.14 13.59
C PHE B 202 14.78 26.84 12.10
N PRO B 203 15.96 26.34 11.68
CA PRO B 203 17.14 26.14 12.54
C PRO B 203 18.03 27.37 12.62
N ALA B 204 18.77 27.45 13.72
CA ALA B 204 19.69 28.55 13.98
C ALA B 204 20.72 28.65 12.87
N ARG B 205 21.34 27.54 12.45
CA ARG B 205 22.31 27.57 11.37
C ARG B 205 21.61 27.27 10.04
N LYS B 206 21.82 28.15 9.06
CA LYS B 206 21.18 28.01 7.77
C LYS B 206 22.24 27.91 6.69
N PRO B 207 22.83 26.73 6.41
CA PRO B 207 23.76 26.64 5.27
C PRO B 207 23.01 27.00 3.98
N ALA B 208 23.73 27.59 3.04
CA ALA B 208 23.11 28.22 1.86
C ALA B 208 22.45 27.16 1.03
N SER B 209 21.22 27.44 0.61
CA SER B 209 20.63 26.75 -0.49
C SER B 209 21.26 27.30 -1.77
N SER B 210 20.76 26.90 -2.92
CA SER B 210 21.10 27.63 -4.13
C SER B 210 20.59 29.08 -4.03
N MET B 211 19.46 29.29 -3.35
N MET B 211 19.43 29.29 -3.42
CA MET B 211 18.88 30.62 -3.20
CA MET B 211 18.94 30.63 -3.16
C MET B 211 18.05 30.62 -1.92
C MET B 211 18.08 30.61 -1.91
N ASP B 212 18.28 31.62 -1.06
CA ASP B 212 17.52 31.72 0.17
C ASP B 212 16.82 33.07 0.27
N VAL B 213 15.54 33.02 0.65
CA VAL B 213 14.71 34.17 0.90
C VAL B 213 14.16 34.09 2.32
N GLY B 214 14.74 34.96 3.19
CA GLY B 214 14.43 34.96 4.61
C GLY B 214 13.53 36.15 4.92
N PHE B 215 12.45 35.88 5.66
CA PHE B 215 11.45 36.91 5.90
C PHE B 215 11.53 37.31 7.37
N ALA B 216 11.24 38.62 7.59
CA ALA B 216 11.14 39.14 8.94
C ALA B 216 9.87 38.59 9.62
N ASN B 217 9.92 38.49 10.96
CA ASN B 217 8.76 38.10 11.74
C ASN B 217 7.56 38.96 11.34
N GLN B 218 6.37 38.35 11.38
CA GLN B 218 5.09 38.94 11.00
C GLN B 218 5.03 39.45 9.55
N THR B 219 5.89 38.99 8.65
CA THR B 219 5.70 39.29 7.24
C THR B 219 4.30 38.80 6.85
N GLY B 220 3.63 39.60 6.01
CA GLY B 220 2.24 39.43 5.64
C GLY B 220 2.11 39.01 4.19
N ASP B 221 0.86 38.99 3.71
CA ASP B 221 0.49 38.33 2.47
C ASP B 221 1.16 38.92 1.24
N GLU B 222 1.17 40.25 1.12
N GLU B 222 1.20 40.24 1.12
CA GLU B 222 1.57 40.94 -0.10
CA GLU B 222 1.57 40.86 -0.15
C GLU B 222 3.06 40.75 -0.33
C GLU B 222 3.08 40.76 -0.35
N GLU B 223 3.86 40.98 0.73
CA GLU B 223 5.28 40.83 0.68
C GLU B 223 5.65 39.39 0.31
N PHE B 224 4.98 38.44 0.97
CA PHE B 224 5.27 37.01 0.82
C PHE B 224 4.98 36.55 -0.59
N LEU B 225 3.76 36.85 -1.06
CA LEU B 225 3.28 36.43 -2.37
C LEU B 225 4.02 37.10 -3.53
N SER B 226 4.19 38.43 -3.50
CA SER B 226 4.91 39.10 -4.56
C SER B 226 6.32 38.52 -4.71
N THR B 227 7.01 38.28 -3.59
CA THR B 227 8.35 37.74 -3.62
C THR B 227 8.32 36.29 -4.09
N PHE B 228 7.45 35.46 -3.51
CA PHE B 228 7.31 34.06 -3.91
C PHE B 228 7.16 33.94 -5.43
N ILE B 229 6.20 34.64 -5.97
CA ILE B 229 5.87 34.63 -7.40
C ILE B 229 7.08 34.98 -8.28
N GLN B 230 7.76 36.08 -7.95
CA GLN B 230 8.83 36.52 -8.84
C GLN B 230 10.07 35.67 -8.68
N VAL B 231 10.42 35.27 -7.46
CA VAL B 231 11.60 34.46 -7.25
C VAL B 231 11.40 33.08 -7.87
N VAL B 232 10.21 32.47 -7.67
CA VAL B 232 9.94 31.18 -8.30
C VAL B 232 10.00 31.25 -9.82
N GLU B 233 9.37 32.29 -10.41
CA GLU B 233 9.39 32.41 -11.89
C GLU B 233 10.82 32.51 -12.41
N MET B 234 11.63 33.30 -11.69
CA MET B 234 13.03 33.46 -12.02
C MET B 234 13.78 32.13 -11.90
N ALA B 235 13.55 31.37 -10.82
CA ALA B 235 14.33 30.17 -10.57
C ALA B 235 13.98 29.12 -11.63
N VAL B 236 12.71 29.10 -12.05
CA VAL B 236 12.26 28.18 -13.07
C VAL B 236 12.90 28.53 -14.42
N ASN B 237 12.91 29.81 -14.76
CA ASN B 237 13.54 30.28 -15.99
C ASN B 237 15.04 30.02 -15.99
N LEU B 238 15.69 30.28 -14.84
CA LEU B 238 17.13 30.14 -14.77
C LEU B 238 17.52 28.67 -14.94
N HIS B 239 16.81 27.74 -14.29
CA HIS B 239 17.30 26.38 -14.14
C HIS B 239 16.67 25.41 -15.12
N ARG B 240 15.52 25.81 -15.69
CA ARG B 240 14.75 24.98 -16.61
C ARG B 240 14.67 23.54 -16.10
N PRO B 241 14.14 23.29 -14.87
CA PRO B 241 14.08 21.93 -14.32
C PRO B 241 13.16 21.05 -15.14
N ASP B 242 13.50 19.76 -15.16
CA ASP B 242 12.64 18.71 -15.70
C ASP B 242 11.56 18.27 -14.71
N LEU B 243 11.77 18.59 -13.42
CA LEU B 243 10.89 18.24 -12.31
C LEU B 243 11.01 19.26 -11.18
N ILE B 244 9.87 19.68 -10.61
CA ILE B 244 9.86 20.49 -9.42
C ILE B 244 9.37 19.60 -8.27
N LEU B 245 10.13 19.55 -7.17
CA LEU B 245 9.60 19.11 -5.88
C LEU B 245 9.19 20.35 -5.10
N TYR B 246 7.90 20.46 -4.77
CA TYR B 246 7.32 21.61 -4.08
C TYR B 246 6.83 21.23 -2.66
N ASP B 247 7.43 21.84 -1.64
CA ASP B 247 7.03 21.70 -0.25
C ASP B 247 6.11 22.88 0.08
N ALA B 248 4.84 22.56 0.31
CA ALA B 248 3.77 23.54 0.53
C ALA B 248 3.47 23.71 2.02
N GLY B 249 4.48 23.60 2.86
CA GLY B 249 4.25 23.63 4.30
C GLY B 249 3.35 24.83 4.69
N VAL B 250 2.42 24.59 5.66
CA VAL B 250 1.44 25.62 6.03
C VAL B 250 1.76 26.30 7.35
N ASP B 251 2.96 26.03 7.88
CA ASP B 251 3.49 26.68 9.08
C ASP B 251 3.89 28.15 8.84
N ILE B 252 3.69 28.67 7.61
CA ILE B 252 3.73 30.10 7.34
C ILE B 252 2.48 30.80 7.84
N HIS B 253 1.44 30.03 8.14
CA HIS B 253 0.15 30.55 8.54
C HIS B 253 0.21 31.40 9.80
N ASN B 254 -0.60 32.45 9.76
CA ASN B 254 -0.75 33.41 10.84
C ASN B 254 -0.88 32.74 12.21
N ASP B 255 -1.59 31.62 12.27
CA ASP B 255 -1.92 31.02 13.57
C ASP B 255 -1.04 29.84 13.91
N ASP B 256 0.01 29.58 13.10
CA ASP B 256 0.87 28.45 13.37
C ASP B 256 1.54 28.70 14.72
N GLU B 257 1.77 27.65 15.47
CA GLU B 257 2.25 27.77 16.83
C GLU B 257 3.79 27.74 16.85
N LEU B 258 4.45 27.42 15.72
CA LEU B 258 5.90 27.52 15.66
C LEU B 258 6.35 28.68 14.78
N GLY B 259 5.72 28.85 13.61
CA GLY B 259 6.19 29.81 12.62
C GLY B 259 5.93 31.24 13.07
N TYR B 260 6.76 32.20 12.65
CA TYR B 260 6.56 33.59 13.08
C TYR B 260 6.06 34.46 11.93
N LEU B 261 5.51 33.86 10.85
CA LEU B 261 4.93 34.69 9.78
C LEU B 261 3.45 34.91 10.02
N SER B 262 2.85 35.76 9.17
CA SER B 262 1.46 36.17 9.31
C SER B 262 0.69 35.96 8.02
N ILE B 263 0.85 34.81 7.38
CA ILE B 263 0.21 34.57 6.09
C ILE B 263 -1.19 33.99 6.32
N SER B 264 -2.13 34.47 5.50
CA SER B 264 -3.52 34.09 5.63
C SER B 264 -3.72 32.76 4.88
N GLN B 265 -4.82 32.07 5.17
CA GLN B 265 -5.26 30.90 4.42
C GLN B 265 -5.51 31.29 2.96
N ALA B 266 -6.10 32.47 2.73
CA ALA B 266 -6.30 32.96 1.37
C ALA B 266 -4.97 33.09 0.62
N ALA B 267 -3.92 33.53 1.29
CA ALA B 267 -2.64 33.73 0.62
C ALA B 267 -1.94 32.37 0.38
N ILE B 268 -2.15 31.42 1.29
CA ILE B 268 -1.68 30.04 1.09
C ILE B 268 -2.30 29.48 -0.20
N ALA B 269 -3.60 29.68 -0.36
CA ALA B 269 -4.28 29.25 -1.56
C ALA B 269 -3.71 29.94 -2.79
N GLN B 270 -3.45 31.26 -2.71
CA GLN B 270 -2.86 31.96 -3.85
C GLN B 270 -1.48 31.41 -4.19
N ARG B 271 -0.69 31.12 -3.13
CA ARG B 271 0.64 30.53 -3.34
C ARG B 271 0.56 29.21 -4.14
N ASP B 272 -0.33 28.32 -3.73
CA ASP B 272 -0.51 26.99 -4.30
C ASP B 272 -1.06 27.09 -5.71
N ARG B 273 -2.02 27.99 -5.91
CA ARG B 273 -2.57 28.21 -7.24
C ARG B 273 -1.53 28.74 -8.20
N PHE B 274 -0.67 29.66 -7.73
CA PHE B 274 0.39 30.20 -8.57
C PHE B 274 1.39 29.11 -8.92
N MET B 275 1.82 28.34 -7.94
CA MET B 275 2.89 27.37 -8.12
C MET B 275 2.47 26.29 -9.12
N LEU B 276 1.29 25.72 -8.86
CA LEU B 276 0.75 24.65 -9.70
C LEU B 276 0.44 25.18 -11.09
N GLY B 277 -0.10 26.40 -11.19
CA GLY B 277 -0.35 27.03 -12.48
C GLY B 277 0.91 27.26 -13.31
N LEU B 278 2.00 27.67 -12.66
CA LEU B 278 3.23 27.93 -13.36
C LEU B 278 3.73 26.60 -13.91
N ALA B 279 3.77 25.55 -13.08
CA ALA B 279 4.35 24.30 -13.54
C ALA B 279 3.57 23.82 -14.80
N LYS B 280 2.25 23.97 -14.75
CA LYS B 280 1.36 23.51 -15.79
C LYS B 280 1.65 24.30 -17.06
N GLN B 281 1.59 25.62 -16.96
CA GLN B 281 1.90 26.49 -18.07
C GLN B 281 3.25 26.16 -18.72
N GLU B 282 4.27 25.81 -17.91
CA GLU B 282 5.63 25.56 -18.42
C GLU B 282 5.82 24.08 -18.78
N SER B 283 4.79 23.27 -18.57
CA SER B 283 4.84 21.84 -18.81
C SER B 283 5.95 21.20 -18.00
N ILE B 284 6.09 21.57 -16.73
CA ILE B 284 7.06 20.91 -15.88
C ILE B 284 6.34 20.07 -14.81
N PRO B 285 6.56 18.75 -14.78
CA PRO B 285 5.98 17.90 -13.75
C PRO B 285 6.30 18.49 -12.38
N ILE B 286 5.28 18.51 -11.53
CA ILE B 286 5.44 18.99 -10.17
C ILE B 286 4.95 17.93 -9.20
N ALA B 287 5.88 17.55 -8.28
CA ALA B 287 5.57 16.64 -7.17
C ALA B 287 5.54 17.43 -5.86
N CYS B 288 4.38 17.44 -5.19
CA CYS B 288 4.14 18.29 -4.04
C CYS B 288 4.15 17.45 -2.75
N VAL B 289 4.62 18.07 -1.67
CA VAL B 289 4.55 17.49 -0.33
C VAL B 289 3.92 18.55 0.54
N ILE B 290 3.11 18.12 1.50
CA ILE B 290 2.34 19.09 2.27
C ILE B 290 3.22 19.74 3.33
N GLY B 291 4.28 19.07 3.77
CA GLY B 291 5.27 19.67 4.68
C GLY B 291 4.68 19.98 6.05
N GLY B 292 5.14 21.08 6.65
CA GLY B 292 4.92 21.28 8.09
C GLY B 292 3.63 22.04 8.43
N GLY B 293 3.47 22.35 9.69
CA GLY B 293 2.22 22.88 10.24
C GLY B 293 2.12 22.44 11.69
N TYR B 294 1.89 23.39 12.61
CA TYR B 294 1.90 23.11 14.03
C TYR B 294 0.70 23.78 14.71
N ARG B 295 -0.21 22.93 15.24
CA ARG B 295 -1.40 23.36 15.97
C ARG B 295 -1.76 22.22 16.92
N GLU B 296 -2.00 22.56 18.19
CA GLU B 296 -2.39 21.61 19.23
C GLU B 296 -3.68 20.93 18.77
N ASP B 297 -4.49 21.66 18.04
CA ASP B 297 -5.68 21.15 17.41
C ASP B 297 -5.26 20.70 16.03
N HIS B 298 -4.89 19.42 15.90
CA HIS B 298 -4.21 18.96 14.72
C HIS B 298 -5.09 19.19 13.49
N ALA B 299 -6.42 19.05 13.67
CA ALA B 299 -7.34 19.09 12.54
C ALA B 299 -7.47 20.50 11.98
N ALA B 300 -7.05 21.52 12.77
CA ALA B 300 -7.02 22.89 12.31
C ALA B 300 -6.11 23.05 11.10
N LEU B 301 -5.12 22.18 10.93
CA LEU B 301 -4.24 22.23 9.75
C LEU B 301 -4.94 21.69 8.48
N VAL B 302 -6.03 20.95 8.63
CA VAL B 302 -6.62 20.27 7.51
C VAL B 302 -7.06 21.27 6.47
N PRO B 303 -7.84 22.34 6.80
CA PRO B 303 -8.28 23.27 5.76
C PRO B 303 -7.12 23.99 5.06
N LEU B 304 -5.99 24.14 5.78
CA LEU B 304 -4.85 24.84 5.22
C LEU B 304 -4.19 23.98 4.15
N HIS B 305 -3.96 22.71 4.47
CA HIS B 305 -3.40 21.73 3.54
C HIS B 305 -4.35 21.48 2.36
N LEU B 306 -5.66 21.51 2.62
CA LEU B 306 -6.67 21.24 1.59
C LEU B 306 -6.57 22.24 0.44
N GLU B 307 -6.06 23.46 0.77
CA GLU B 307 -5.89 24.50 -0.24
C GLU B 307 -5.00 24.01 -1.39
N LEU B 308 -3.99 23.20 -1.10
CA LEU B 308 -3.14 22.68 -2.18
C LEU B 308 -3.98 21.86 -3.17
N LEU B 309 -4.88 21.01 -2.63
CA LEU B 309 -5.76 20.18 -3.44
C LEU B 309 -6.73 21.03 -4.23
N LYS B 310 -7.38 22.04 -3.61
CA LYS B 310 -8.27 22.91 -4.34
C LYS B 310 -7.52 23.58 -5.49
N ALA B 311 -6.26 23.96 -5.26
CA ALA B 311 -5.44 24.61 -6.28
C ALA B 311 -5.18 23.65 -7.43
N ALA B 312 -4.88 22.38 -7.11
CA ALA B 312 -4.65 21.37 -8.15
C ALA B 312 -5.92 21.14 -8.95
N LEU B 313 -7.04 21.10 -8.26
CA LEU B 313 -8.33 20.92 -8.90
C LEU B 313 -8.65 22.08 -9.84
N LEU B 314 -8.49 23.33 -9.37
CA LEU B 314 -8.80 24.51 -10.18
C LEU B 314 -7.86 24.60 -11.37
N SER B 315 -6.59 24.33 -11.12
CA SER B 315 -5.56 24.27 -12.15
C SER B 315 -5.87 23.16 -13.16
N ALA B 316 -6.66 22.15 -12.78
CA ALA B 316 -7.04 21.07 -13.70
C ALA B 316 -7.91 21.62 -14.84
N GLY B 317 -8.96 22.38 -14.45
CA GLY B 317 -9.98 22.88 -15.38
C GLY B 317 -11.39 22.41 -15.00
N TYR B 318 -11.69 22.40 -13.68
CA TYR B 318 -12.97 21.93 -13.17
C TYR B 318 -13.61 23.04 -12.30
#